data_4YQR
#
_entry.id   4YQR
#
_cell.length_a   93.864
_cell.length_b   93.864
_cell.length_c   178.490
_cell.angle_alpha   90.000
_cell.angle_beta   90.000
_cell.angle_gamma   120.000
#
_symmetry.space_group_name_H-M   'H 3 2'
#
loop_
_entity.id
_entity.type
_entity.pdbx_description
1 polymer 'tRNA (guanine-N(1)-)-methyltransferase'
2 non-polymer (4-amino-1,2,5-oxadiazol-3-yl)(4-methylpiperazin-1-yl)methanone
3 water water
#
_entity_poly.entity_id   1
_entity_poly.type   'polypeptide(L)'
_entity_poly.pdbx_seq_one_letter_code
;GLVPRGSHMWIGVISLFPEMFKAITEFGVTGRAVKHNLLKVECWNPRDFTFDKHKTVDDRPYGGGPGMLMMVQPLRDAIH
TAKAAAGEGAKVIYLSPQGRKLDQGGVTELAQNQKLILVCGRYEGIDERLIQTEIDEEWSIGDYVLTGGELPAMTLIDAV
ARFIPGVLGKQASAEEDSFADGLLDCPHYTRPEVLEGLTVPPVLMSGHHEEIRKWRLKQSLQRTWLRRPELLEGLALTDE
QRKLLKEAQAEHNS
;
_entity_poly.pdbx_strand_id   A
#
# COMPACT_ATOMS: atom_id res chain seq x y z
N SER A 7 -11.43 6.10 -16.54
CA SER A 7 -11.38 5.48 -15.22
C SER A 7 -11.31 6.54 -14.11
N HIS A 8 -11.59 6.13 -12.87
CA HIS A 8 -11.53 7.04 -11.72
C HIS A 8 -10.11 7.21 -11.18
N MET A 9 -9.27 6.18 -11.28
CA MET A 9 -7.86 6.35 -10.93
C MET A 9 -7.03 5.74 -12.03
N TRP A 10 -6.03 6.50 -12.50
CA TRP A 10 -5.06 6.00 -13.49
C TRP A 10 -3.70 5.87 -12.84
N ILE A 11 -3.06 4.72 -12.99
CA ILE A 11 -1.72 4.57 -12.46
CA ILE A 11 -1.74 4.46 -12.42
C ILE A 11 -0.79 4.04 -13.53
N GLY A 12 0.20 4.89 -13.85
CA GLY A 12 1.25 4.45 -14.76
C GLY A 12 2.34 3.81 -13.94
N VAL A 13 2.98 2.79 -14.51
CA VAL A 13 3.99 2.03 -13.79
C VAL A 13 5.21 1.91 -14.67
N ILE A 14 6.38 2.15 -14.10
CA ILE A 14 7.63 1.94 -14.81
C ILE A 14 8.32 0.73 -14.18
N SER A 15 8.45 -0.36 -14.94
CA SER A 15 8.96 -1.61 -14.40
C SER A 15 9.63 -2.48 -15.46
N LEU A 16 10.75 -3.10 -15.08
CA LEU A 16 11.40 -4.12 -15.90
C LEU A 16 10.62 -5.45 -15.95
N PHE A 17 9.62 -5.58 -15.08
CA PHE A 17 8.82 -6.80 -15.02
C PHE A 17 7.33 -6.51 -15.00
N PRO A 18 6.83 -5.91 -16.06
CA PRO A 18 5.42 -5.52 -16.10
C PRO A 18 4.45 -6.69 -15.87
N GLU A 19 4.84 -7.90 -16.26
CA GLU A 19 3.93 -9.03 -16.07
C GLU A 19 3.66 -9.31 -14.60
N MET A 20 4.52 -8.87 -13.67
CA MET A 20 4.20 -9.05 -12.25
C MET A 20 2.85 -8.41 -11.88
N PHE A 21 2.51 -7.33 -12.59
CA PHE A 21 1.32 -6.58 -12.24
C PHE A 21 0.02 -7.31 -12.59
N LYS A 22 0.11 -8.38 -13.37
CA LYS A 22 -1.05 -9.27 -13.52
C LYS A 22 -1.59 -9.74 -12.18
N ALA A 23 -0.72 -9.80 -11.17
CA ALA A 23 -1.20 -10.27 -9.88
C ALA A 23 -2.30 -9.35 -9.35
N ILE A 24 -2.24 -8.06 -9.67
CA ILE A 24 -3.33 -7.22 -9.18
C ILE A 24 -4.32 -6.91 -10.28
N THR A 25 -3.91 -6.92 -11.55
CA THR A 25 -4.91 -6.54 -12.56
C THR A 25 -5.81 -7.67 -13.04
N GLU A 26 -5.43 -8.91 -12.76
CA GLU A 26 -6.24 -10.06 -13.22
C GLU A 26 -7.03 -10.82 -12.15
N PHE A 27 -6.90 -10.46 -10.87
CA PHE A 27 -7.47 -11.21 -9.74
C PHE A 27 -8.10 -10.36 -8.69
N GLY A 28 -9.15 -10.92 -8.09
CA GLY A 28 -9.74 -10.37 -6.87
C GLY A 28 -10.37 -9.01 -7.09
N VAL A 29 -10.41 -8.25 -6.02
CA VAL A 29 -11.08 -6.95 -5.93
C VAL A 29 -10.41 -5.97 -6.91
N THR A 30 -9.09 -5.98 -6.97
CA THR A 30 -8.36 -5.06 -7.85
C THR A 30 -8.56 -5.46 -9.30
N GLY A 31 -8.64 -6.77 -9.56
CA GLY A 31 -8.90 -7.26 -10.91
C GLY A 31 -10.27 -6.83 -11.41
N ARG A 32 -11.26 -6.86 -10.51
CA ARG A 32 -12.61 -6.41 -10.86
C ARG A 32 -12.56 -4.90 -11.15
N ALA A 33 -11.86 -4.16 -10.30
CA ALA A 33 -11.74 -2.70 -10.49
C ALA A 33 -11.17 -2.34 -11.87
N VAL A 34 -10.19 -3.13 -12.33
CA VAL A 34 -9.56 -2.90 -13.64
C VAL A 34 -10.53 -3.29 -14.73
N LYS A 35 -11.18 -4.45 -14.59
CA LYS A 35 -12.13 -4.87 -15.63
C LYS A 35 -13.29 -3.87 -15.80
N HIS A 36 -13.72 -3.28 -14.68
CA HIS A 36 -14.85 -2.36 -14.71
C HIS A 36 -14.43 -0.90 -14.99
N ASN A 37 -13.18 -0.71 -15.32
CA ASN A 37 -12.64 0.62 -15.66
C ASN A 37 -12.65 1.61 -14.49
N LEU A 38 -12.64 1.11 -13.27
CA LEU A 38 -12.57 2.01 -12.11
C LEU A 38 -11.12 2.37 -11.88
N LEU A 39 -10.24 1.43 -12.24
CA LEU A 39 -8.79 1.56 -12.07
C LEU A 39 -8.12 1.21 -13.37
N LYS A 40 -7.20 2.05 -13.81
CA LYS A 40 -6.41 1.69 -15.00
C LYS A 40 -4.96 1.62 -14.61
N VAL A 41 -4.29 0.52 -14.95
CA VAL A 41 -2.87 0.37 -14.67
C VAL A 41 -2.15 0.21 -16.00
N GLU A 42 -1.21 1.11 -16.29
CA GLU A 42 -0.56 1.09 -17.61
C GLU A 42 0.95 0.98 -17.36
N CYS A 43 1.64 0.02 -18.00
CA CYS A 43 3.06 -0.22 -17.70
C CYS A 43 3.95 0.15 -18.88
N TRP A 44 5.09 0.73 -18.53
CA TRP A 44 6.19 0.99 -19.48
C TRP A 44 7.45 0.31 -18.97
N ASN A 45 8.13 -0.41 -19.85
CA ASN A 45 9.29 -1.21 -19.49
C ASN A 45 10.56 -0.54 -20.05
N PRO A 46 11.48 -0.11 -19.17
CA PRO A 46 12.72 0.52 -19.68
C PRO A 46 13.43 -0.32 -20.75
N ARG A 47 13.27 -1.65 -20.70
CA ARG A 47 13.94 -2.47 -21.73
C ARG A 47 13.49 -2.07 -23.13
N ASP A 48 12.25 -1.62 -23.25
CA ASP A 48 11.76 -1.21 -24.56
C ASP A 48 12.34 0.11 -25.07
N PHE A 49 13.03 0.85 -24.18
CA PHE A 49 13.61 2.12 -24.51
C PHE A 49 15.12 2.03 -24.68
N THR A 50 15.64 0.80 -24.73
CA THR A 50 17.07 0.62 -25.01
C THR A 50 17.34 0.63 -26.50
N PHE A 51 18.61 0.83 -26.87
CA PHE A 51 18.98 0.86 -28.28
C PHE A 51 20.11 -0.11 -28.63
N ASP A 52 20.78 -0.66 -27.62
CA ASP A 52 21.87 -1.58 -27.92
C ASP A 52 21.34 -2.98 -28.17
N LYS A 53 22.18 -3.79 -28.83
CA LYS A 53 21.75 -5.10 -29.24
C LYS A 53 21.26 -5.93 -28.07
N HIS A 54 21.89 -5.79 -26.92
CA HIS A 54 21.49 -6.65 -25.81
C HIS A 54 20.50 -6.04 -24.83
N LYS A 55 19.94 -4.88 -25.19
CA LYS A 55 18.87 -4.26 -24.44
C LYS A 55 19.26 -4.07 -22.98
N THR A 56 20.39 -3.40 -22.80
CA THR A 56 20.99 -3.23 -21.48
C THR A 56 20.22 -2.24 -20.61
N VAL A 57 19.87 -2.67 -19.40
CA VAL A 57 19.06 -1.82 -18.55
C VAL A 57 19.72 -1.54 -17.20
N ASP A 58 20.94 -2.07 -16.99
CA ASP A 58 21.67 -1.75 -15.78
C ASP A 58 22.99 -1.06 -16.12
N ASP A 59 23.67 -0.53 -15.10
CA ASP A 59 24.89 0.23 -15.34
C ASP A 59 25.68 0.26 -14.03
N ARG A 60 26.97 0.52 -14.14
CA ARG A 60 27.92 0.45 -13.01
C ARG A 60 27.86 1.73 -12.19
N PRO A 61 27.89 1.62 -10.86
CA PRO A 61 27.89 2.84 -10.05
C PRO A 61 29.23 3.54 -10.03
N TYR A 62 29.23 4.86 -10.16
CA TYR A 62 30.44 5.60 -9.89
C TYR A 62 30.89 5.33 -8.47
N GLY A 63 32.21 5.22 -8.30
CA GLY A 63 32.79 4.98 -6.99
C GLY A 63 32.95 3.51 -6.65
N GLY A 64 32.46 2.63 -7.52
CA GLY A 64 32.62 1.20 -7.30
C GLY A 64 31.63 0.65 -6.31
N GLY A 65 31.90 -0.56 -5.82
CA GLY A 65 30.92 -1.26 -5.00
C GLY A 65 30.36 -2.46 -5.73
N PRO A 66 29.70 -3.36 -4.99
CA PRO A 66 29.38 -4.69 -5.52
C PRO A 66 28.22 -4.70 -6.51
N GLY A 67 27.34 -3.71 -6.41
CA GLY A 67 26.08 -3.79 -7.12
C GLY A 67 26.01 -3.00 -8.42
N MET A 68 24.85 -3.07 -9.05
CA MET A 68 24.56 -2.27 -10.23
C MET A 68 23.44 -1.27 -9.93
N LEU A 69 23.24 -0.31 -10.83
CA LEU A 69 22.09 0.59 -10.76
CA LEU A 69 22.13 0.65 -10.79
C LEU A 69 21.30 0.46 -12.02
N MET A 70 20.05 0.96 -12.00
CA MET A 70 19.34 1.03 -13.27
CA MET A 70 19.26 1.13 -13.22
C MET A 70 20.04 2.04 -14.20
N MET A 71 20.17 1.64 -15.45
CA MET A 71 20.77 2.54 -16.47
C MET A 71 19.90 3.79 -16.64
N VAL A 72 20.53 4.97 -16.68
CA VAL A 72 19.75 6.21 -16.70
C VAL A 72 18.90 6.40 -17.96
N GLN A 73 19.51 6.25 -19.14
CA GLN A 73 18.80 6.66 -20.35
C GLN A 73 17.49 5.88 -20.60
N PRO A 74 17.51 4.53 -20.52
CA PRO A 74 16.24 3.85 -20.76
C PRO A 74 15.17 4.15 -19.69
N LEU A 75 15.60 4.32 -18.44
CA LEU A 75 14.65 4.58 -17.37
C LEU A 75 14.09 5.99 -17.52
N ARG A 76 14.98 6.96 -17.79
CA ARG A 76 14.56 8.33 -18.00
C ARG A 76 13.56 8.41 -19.17
N ASP A 77 13.87 7.77 -20.29
CA ASP A 77 12.97 7.83 -21.43
C ASP A 77 11.59 7.18 -21.12
N ALA A 78 11.59 6.10 -20.36
CA ALA A 78 10.36 5.42 -19.96
C ALA A 78 9.54 6.37 -19.09
N ILE A 79 10.20 6.98 -18.12
CA ILE A 79 9.49 7.93 -17.27
C ILE A 79 8.88 9.06 -18.09
N HIS A 80 9.64 9.67 -19.02
CA HIS A 80 9.09 10.74 -19.84
C HIS A 80 7.88 10.32 -20.67
N THR A 81 7.92 9.07 -21.13
CA THR A 81 6.83 8.56 -21.96
C THR A 81 5.58 8.40 -21.11
N ALA A 82 5.78 7.94 -19.89
CA ALA A 82 4.66 7.75 -18.96
C ALA A 82 4.06 9.12 -18.62
N LYS A 83 4.92 10.11 -18.38
CA LYS A 83 4.44 11.47 -18.08
C LYS A 83 3.65 12.04 -19.24
N ALA A 84 4.10 11.77 -20.48
CA ALA A 84 3.37 12.29 -21.63
C ALA A 84 1.97 11.68 -21.73
N ALA A 85 1.89 10.39 -21.47
CA ALA A 85 0.62 9.67 -21.46
C ALA A 85 -0.29 10.20 -20.37
N ALA A 86 0.28 10.58 -19.23
CA ALA A 86 -0.52 10.93 -18.07
C ALA A 86 -1.19 12.27 -18.25
N GLY A 87 -0.52 13.19 -18.94
CA GLY A 87 -1.02 14.53 -19.12
C GLY A 87 -0.75 15.29 -17.84
N GLU A 88 -1.46 16.40 -17.65
CA GLU A 88 -1.21 17.27 -16.51
C GLU A 88 -1.66 16.64 -15.19
N GLY A 89 -0.89 16.92 -14.14
CA GLY A 89 -1.31 16.60 -12.79
C GLY A 89 -0.94 15.25 -12.20
N ALA A 90 -0.15 14.45 -12.89
CA ALA A 90 0.25 13.17 -12.32
C ALA A 90 1.39 13.36 -11.33
N LYS A 91 1.28 12.74 -10.17
CA LYS A 91 2.35 12.77 -9.18
C LYS A 91 3.23 11.54 -9.41
N VAL A 92 4.55 11.77 -9.52
CA VAL A 92 5.49 10.69 -9.79
C VAL A 92 6.14 10.21 -8.49
N ILE A 93 6.05 8.91 -8.22
CA ILE A 93 6.46 8.33 -6.94
C ILE A 93 7.55 7.33 -7.15
N TYR A 94 8.63 7.43 -6.37
CA TYR A 94 9.64 6.38 -6.38
C TYR A 94 9.50 5.57 -5.09
N LEU A 95 9.47 4.26 -5.21
CA LEU A 95 9.34 3.42 -4.02
CA LEU A 95 9.34 3.45 -4.01
C LEU A 95 10.72 2.99 -3.54
N SER A 96 11.04 3.28 -2.27
CA SER A 96 12.32 2.82 -1.70
C SER A 96 12.32 2.94 -0.18
N PRO A 97 13.25 2.26 0.49
CA PRO A 97 13.34 2.36 1.95
C PRO A 97 13.72 3.76 2.44
N GLN A 98 14.24 4.61 1.56
CA GLN A 98 14.59 5.98 1.98
C GLN A 98 13.38 6.91 1.92
N GLY A 99 12.21 6.35 1.56
CA GLY A 99 11.02 7.17 1.41
C GLY A 99 10.18 7.31 2.67
N ARG A 100 9.19 8.19 2.58
CA ARG A 100 8.21 8.40 3.63
C ARG A 100 7.51 7.08 3.93
N LYS A 101 7.43 6.71 5.21
CA LYS A 101 6.83 5.41 5.51
C LYS A 101 5.31 5.46 5.31
N LEU A 102 4.82 4.54 4.49
CA LEU A 102 3.40 4.40 4.21
C LEU A 102 2.61 3.89 5.42
N ASP A 103 1.51 4.59 5.75
CA ASP A 103 0.52 4.09 6.69
C ASP A 103 -0.86 4.51 6.13
N GLN A 104 -1.94 4.18 6.82
CA GLN A 104 -3.26 4.31 6.23
C GLN A 104 -3.59 5.79 5.97
N GLY A 105 -3.08 6.67 6.80
CA GLY A 105 -3.22 8.10 6.57
C GLY A 105 -2.53 8.47 5.27
N GLY A 106 -1.35 7.91 5.03
CA GLY A 106 -0.62 8.23 3.82
C GLY A 106 -1.33 7.63 2.64
N VAL A 107 -1.95 6.45 2.83
CA VAL A 107 -2.74 5.87 1.75
C VAL A 107 -3.89 6.81 1.38
N THR A 108 -4.54 7.37 2.38
CA THR A 108 -5.70 8.24 2.14
C THR A 108 -5.23 9.50 1.39
N GLU A 109 -4.04 9.99 1.73
CA GLU A 109 -3.46 11.13 1.02
C GLU A 109 -3.18 10.82 -0.45
N LEU A 110 -2.56 9.67 -0.69
CA LEU A 110 -2.17 9.30 -2.05
C LEU A 110 -3.41 9.05 -2.91
N ALA A 111 -4.47 8.56 -2.28
CA ALA A 111 -5.70 8.22 -2.98
C ALA A 111 -6.43 9.46 -3.48
N GLN A 112 -6.03 10.64 -3.01
CA GLN A 112 -6.67 11.88 -3.47
C GLN A 112 -6.26 12.24 -4.90
N ASN A 113 -5.23 11.56 -5.41
CA ASN A 113 -4.68 11.82 -6.74
C ASN A 113 -5.45 11.01 -7.79
N GLN A 114 -5.84 11.66 -8.88
CA GLN A 114 -6.51 10.95 -9.98
C GLN A 114 -5.48 10.20 -10.82
N LYS A 115 -4.24 10.69 -10.83
CA LYS A 115 -3.15 10.08 -11.60
C LYS A 115 -1.86 9.94 -10.77
N LEU A 116 -1.26 8.76 -10.83
CA LEU A 116 0.03 8.50 -10.20
C LEU A 116 0.91 7.82 -11.21
N ILE A 117 2.22 8.06 -11.13
CA ILE A 117 3.17 7.26 -11.88
C ILE A 117 4.10 6.64 -10.85
N LEU A 118 4.22 5.32 -10.86
CA LEU A 118 5.03 4.61 -9.87
C LEU A 118 6.29 4.08 -10.51
N VAL A 119 7.43 4.55 -10.02
CA VAL A 119 8.69 4.08 -10.59
C VAL A 119 9.28 2.93 -9.75
N CYS A 120 9.49 1.77 -10.38
CA CYS A 120 9.95 0.56 -9.67
C CYS A 120 11.42 0.35 -9.90
N GLY A 121 12.21 0.54 -8.84
CA GLY A 121 13.65 0.32 -8.91
C GLY A 121 13.98 -1.16 -8.86
N ARG A 122 15.12 -1.51 -9.49
CA ARG A 122 15.71 -2.83 -9.37
C ARG A 122 17.19 -2.61 -9.11
N TYR A 123 17.93 -3.69 -8.85
CA TYR A 123 19.35 -3.60 -8.53
C TYR A 123 19.55 -2.75 -7.29
N GLU A 124 20.60 -1.95 -7.23
CA GLU A 124 20.84 -1.12 -6.04
C GLU A 124 20.01 0.15 -6.07
N GLY A 125 19.20 0.31 -7.11
CA GLY A 125 18.30 1.46 -7.19
C GLY A 125 18.54 2.35 -8.39
N ILE A 126 18.22 3.63 -8.27
CA ILE A 126 18.33 4.55 -9.40
C ILE A 126 19.24 5.73 -9.07
N ASP A 127 19.72 6.39 -10.11
CA ASP A 127 20.56 7.54 -9.99
C ASP A 127 19.90 8.65 -9.15
N GLU A 128 20.63 9.15 -8.18
CA GLU A 128 20.09 10.16 -7.27
C GLU A 128 19.59 11.38 -8.03
N ARG A 129 20.21 11.70 -9.17
CA ARG A 129 19.84 12.89 -9.92
C ARG A 129 18.48 12.70 -10.61
N LEU A 130 18.11 11.46 -10.91
CA LEU A 130 16.77 11.18 -11.42
C LEU A 130 15.74 11.40 -10.32
N ILE A 131 16.08 11.06 -9.08
CA ILE A 131 15.16 11.40 -8.00
C ILE A 131 14.99 12.91 -7.94
N GLN A 132 16.07 13.66 -8.06
CA GLN A 132 15.97 15.11 -8.00
C GLN A 132 15.15 15.67 -9.15
N THR A 133 15.32 15.13 -10.35
CA THR A 133 14.76 15.77 -11.54
C THR A 133 13.41 15.19 -12.00
N GLU A 134 13.07 13.97 -11.59
CA GLU A 134 11.90 13.31 -12.14
C GLU A 134 10.90 12.89 -11.09
N ILE A 135 11.34 12.79 -9.84
CA ILE A 135 10.47 12.19 -8.81
C ILE A 135 9.86 13.28 -7.94
N ASP A 136 8.54 13.22 -7.73
CA ASP A 136 7.89 14.18 -6.86
C ASP A 136 7.98 13.75 -5.40
N GLU A 137 7.71 12.46 -5.14
CA GLU A 137 7.70 11.95 -3.78
C GLU A 137 8.35 10.60 -3.70
N GLU A 138 9.10 10.38 -2.62
CA GLU A 138 9.63 9.05 -2.33
C GLU A 138 8.85 8.41 -1.17
N TRP A 139 8.34 7.19 -1.38
CA TRP A 139 7.60 6.48 -0.32
C TRP A 139 8.18 5.10 -0.06
N SER A 140 8.10 4.66 1.18
CA SER A 140 8.50 3.29 1.56
C SER A 140 7.30 2.49 2.04
N ILE A 141 7.21 1.21 1.69
CA ILE A 141 6.09 0.42 2.25
C ILE A 141 6.48 -0.21 3.58
N GLY A 142 7.74 -0.10 3.96
CA GLY A 142 8.12 -0.60 5.27
C GLY A 142 9.62 -0.68 5.40
N ASP A 143 10.09 -0.80 6.64
CA ASP A 143 11.50 -0.81 6.95
C ASP A 143 12.14 -2.18 6.76
N TYR A 144 12.08 -2.66 5.51
CA TYR A 144 12.69 -3.93 5.13
C TYR A 144 13.09 -3.81 3.69
N VAL A 145 13.95 -4.72 3.24
CA VAL A 145 14.52 -4.60 1.91
C VAL A 145 14.00 -5.69 0.99
N LEU A 146 13.49 -5.26 -0.15
CA LEU A 146 12.98 -6.19 -1.17
C LEU A 146 13.90 -6.24 -2.37
N THR A 147 13.60 -7.14 -3.30
CA THR A 147 14.45 -7.25 -4.51
C THR A 147 14.10 -6.26 -5.60
N GLY A 148 13.01 -5.50 -5.42
CA GLY A 148 12.64 -4.49 -6.38
C GLY A 148 11.44 -3.72 -5.89
N GLY A 149 11.09 -2.67 -6.63
CA GLY A 149 9.94 -1.84 -6.25
C GLY A 149 8.57 -2.33 -6.72
N GLU A 150 8.52 -3.43 -7.44
CA GLU A 150 7.25 -3.92 -7.99
C GLU A 150 6.25 -4.33 -6.90
N LEU A 151 6.69 -5.08 -5.89
CA LEU A 151 5.74 -5.50 -4.87
C LEU A 151 5.27 -4.27 -4.10
N PRO A 152 6.20 -3.34 -3.73
CA PRO A 152 5.74 -2.11 -3.10
C PRO A 152 4.71 -1.35 -3.94
N ALA A 153 4.98 -1.24 -5.25
CA ALA A 153 4.05 -0.55 -6.16
C ALA A 153 2.69 -1.24 -6.13
N MET A 154 2.69 -2.56 -6.22
CA MET A 154 1.42 -3.30 -6.21
CA MET A 154 1.45 -3.34 -6.22
C MET A 154 0.69 -3.14 -4.89
N THR A 155 1.43 -3.16 -3.80
CA THR A 155 0.86 -2.92 -2.47
C THR A 155 0.20 -1.55 -2.41
N LEU A 156 0.88 -0.52 -2.89
CA LEU A 156 0.33 0.82 -2.88
C LEU A 156 -0.93 0.91 -3.76
N ILE A 157 -0.89 0.29 -4.95
CA ILE A 157 -2.05 0.30 -5.85
C ILE A 157 -3.24 -0.35 -5.15
N ASP A 158 -3.00 -1.50 -4.53
CA ASP A 158 -4.08 -2.24 -3.86
C ASP A 158 -4.69 -1.37 -2.72
N ALA A 159 -3.84 -0.73 -1.92
CA ALA A 159 -4.30 0.04 -0.78
C ALA A 159 -5.12 1.25 -1.25
N VAL A 160 -4.64 1.95 -2.28
CA VAL A 160 -5.38 3.13 -2.74
C VAL A 160 -6.66 2.75 -3.50
N ALA A 161 -6.65 1.60 -4.15
CA ALA A 161 -7.82 1.15 -4.91
C ALA A 161 -9.04 0.99 -4.02
N ARG A 162 -8.81 0.66 -2.76
CA ARG A 162 -9.91 0.48 -1.82
C ARG A 162 -10.73 1.77 -1.60
N PHE A 163 -10.12 2.91 -1.95
CA PHE A 163 -10.80 4.20 -1.81
C PHE A 163 -11.58 4.64 -3.04
N ILE A 164 -11.42 3.94 -4.14
CA ILE A 164 -12.18 4.28 -5.35
C ILE A 164 -13.61 3.84 -5.20
N PRO A 165 -14.56 4.76 -5.44
CA PRO A 165 -15.97 4.39 -5.27
C PRO A 165 -16.34 3.24 -6.18
N GLY A 166 -17.01 2.24 -5.61
CA GLY A 166 -17.46 1.11 -6.40
C GLY A 166 -16.53 -0.08 -6.33
N VAL A 167 -15.31 0.13 -5.85
CA VAL A 167 -14.36 -0.98 -5.79
C VAL A 167 -14.75 -1.96 -4.66
N LEU A 168 -15.07 -1.41 -3.50
CA LEU A 168 -15.58 -2.22 -2.41
C LEU A 168 -17.11 -2.21 -2.42
N GLY A 169 -17.72 -3.17 -1.73
CA GLY A 169 -19.16 -3.16 -1.58
C GLY A 169 -19.62 -1.93 -0.80
N SER A 178 -9.43 -1.93 12.48
CA SER A 178 -10.42 -0.86 12.38
C SER A 178 -9.76 0.48 12.08
N PHE A 179 -8.87 0.50 11.10
CA PHE A 179 -8.09 1.71 10.85
C PHE A 179 -8.96 2.87 10.37
N ALA A 180 -10.27 2.64 10.35
CA ALA A 180 -11.21 3.74 10.20
C ALA A 180 -10.97 4.72 11.34
N ASP A 181 -10.70 4.19 12.53
CA ASP A 181 -10.52 5.03 13.70
C ASP A 181 -9.17 4.83 14.39
N GLY A 182 -8.22 4.21 13.69
CA GLY A 182 -6.85 4.14 14.20
C GLY A 182 -6.60 2.96 15.14
N LEU A 183 -7.60 2.10 15.26
CA LEU A 183 -7.51 0.92 16.11
C LEU A 183 -7.31 -0.39 15.34
N LEU A 184 -6.76 -1.39 16.01
CA LEU A 184 -6.75 -2.73 15.45
C LEU A 184 -8.16 -3.28 15.38
N ASP A 185 -8.36 -4.23 14.47
CA ASP A 185 -9.65 -4.86 14.26
C ASP A 185 -10.06 -5.73 15.45
N CYS A 186 -11.36 -5.88 15.65
CA CYS A 186 -11.87 -6.85 16.62
C CYS A 186 -11.78 -8.28 16.07
N PRO A 187 -11.88 -9.28 16.95
CA PRO A 187 -11.96 -10.67 16.50
C PRO A 187 -13.26 -10.93 15.77
N HIS A 188 -13.21 -11.84 14.80
CA HIS A 188 -14.39 -12.17 14.00
C HIS A 188 -14.64 -13.66 14.10
N TYR A 189 -15.92 -14.03 14.00
CA TYR A 189 -16.29 -15.44 14.14
C TYR A 189 -17.28 -15.80 13.07
N THR A 190 -17.19 -17.02 12.57
CA THR A 190 -18.23 -17.52 11.68
C THR A 190 -18.51 -18.98 12.04
N ARG A 191 -19.33 -19.66 11.23
CA ARG A 191 -19.69 -21.05 11.56
C ARG A 191 -18.44 -21.92 11.63
N PRO A 192 -18.44 -22.96 12.47
CA PRO A 192 -19.51 -23.45 13.35
C PRO A 192 -19.53 -22.79 14.73
N GLU A 193 -20.59 -23.01 15.50
CA GLU A 193 -20.70 -22.41 16.82
C GLU A 193 -19.58 -22.87 17.75
N VAL A 194 -19.14 -24.11 17.60
CA VAL A 194 -18.04 -24.62 18.42
C VAL A 194 -16.96 -25.21 17.51
N LEU A 195 -15.71 -24.79 17.72
CA LEU A 195 -14.59 -25.21 16.88
C LEU A 195 -13.42 -25.58 17.78
N GLU A 196 -13.05 -26.86 17.73
CA GLU A 196 -12.09 -27.45 18.66
C GLU A 196 -12.34 -26.99 20.08
N GLY A 197 -13.60 -27.09 20.50
CA GLY A 197 -13.95 -26.78 21.88
C GLY A 197 -14.08 -25.29 22.20
N LEU A 198 -13.74 -24.43 21.24
CA LEU A 198 -13.81 -22.97 21.43
C LEU A 198 -15.16 -22.45 20.94
N THR A 199 -15.87 -21.72 21.79
CA THR A 199 -17.22 -21.26 21.46
C THR A 199 -17.22 -19.82 20.95
N VAL A 200 -18.23 -19.47 20.18
CA VAL A 200 -18.43 -18.08 19.79
C VAL A 200 -18.92 -17.28 21.01
N PRO A 201 -18.32 -16.12 21.29
CA PRO A 201 -18.86 -15.28 22.37
C PRO A 201 -20.39 -15.08 22.26
N PRO A 202 -21.13 -15.43 23.33
CA PRO A 202 -22.59 -15.37 23.28
C PRO A 202 -23.17 -14.03 22.86
N VAL A 203 -22.51 -12.94 23.19
CA VAL A 203 -23.01 -11.63 22.78
C VAL A 203 -23.23 -11.56 21.27
N LEU A 204 -22.33 -12.16 20.50
CA LEU A 204 -22.47 -12.11 19.06
C LEU A 204 -23.65 -12.91 18.51
N MET A 205 -24.23 -13.81 19.32
CA MET A 205 -25.39 -14.59 18.87
C MET A 205 -26.67 -14.10 19.53
N SER A 206 -26.56 -13.00 20.27
CA SER A 206 -27.69 -12.40 21.01
C SER A 206 -28.66 -11.60 20.15
N GLY A 207 -28.18 -11.12 19.01
CA GLY A 207 -28.97 -10.26 18.16
C GLY A 207 -29.10 -8.83 18.68
N HIS A 208 -28.36 -8.49 19.75
CA HIS A 208 -28.45 -7.15 20.34
C HIS A 208 -27.43 -6.24 19.69
N HIS A 209 -27.88 -5.48 18.69
CA HIS A 209 -26.96 -4.74 17.83
C HIS A 209 -26.08 -3.76 18.59
N GLU A 210 -26.65 -3.09 19.59
CA GLU A 210 -25.87 -2.13 20.36
C GLU A 210 -24.80 -2.83 21.22
N GLU A 211 -25.20 -3.87 21.95
CA GLU A 211 -24.25 -4.64 22.74
C GLU A 211 -23.15 -5.21 21.86
N ILE A 212 -23.50 -5.65 20.65
CA ILE A 212 -22.50 -6.19 19.74
C ILE A 212 -21.52 -5.11 19.30
N ARG A 213 -22.03 -3.94 18.92
CA ARG A 213 -21.17 -2.82 18.52
C ARG A 213 -20.20 -2.46 19.63
N LYS A 214 -20.71 -2.36 20.85
CA LYS A 214 -19.86 -2.01 22.00
C LYS A 214 -18.82 -3.10 22.32
N TRP A 215 -19.23 -4.36 22.27
CA TRP A 215 -18.27 -5.45 22.43
C TRP A 215 -17.10 -5.35 21.42
N ARG A 216 -17.46 -5.15 20.15
CA ARG A 216 -16.46 -5.08 19.09
C ARG A 216 -15.50 -3.94 19.34
N LEU A 217 -16.05 -2.81 19.72
CA LEU A 217 -15.23 -1.64 19.95
C LEU A 217 -14.32 -1.86 21.15
N LYS A 218 -14.88 -2.42 22.21
CA LYS A 218 -14.08 -2.76 23.40
C LYS A 218 -12.94 -3.71 23.04
N GLN A 219 -13.24 -4.76 22.26
CA GLN A 219 -12.20 -5.70 21.82
C GLN A 219 -11.10 -4.99 21.03
N SER A 220 -11.48 -4.08 20.14
CA SER A 220 -10.51 -3.34 19.33
CA SER A 220 -10.54 -3.32 19.34
C SER A 220 -9.62 -2.50 20.25
N LEU A 221 -10.24 -1.87 21.24
CA LEU A 221 -9.46 -1.04 22.16
C LEU A 221 -8.52 -1.92 22.98
N GLN A 222 -9.02 -3.04 23.48
CA GLN A 222 -8.18 -3.96 24.25
C GLN A 222 -6.99 -4.48 23.43
N ARG A 223 -7.27 -4.89 22.19
CA ARG A 223 -6.23 -5.45 21.34
C ARG A 223 -5.19 -4.40 20.98
N THR A 224 -5.63 -3.17 20.71
CA THR A 224 -4.68 -2.11 20.40
C THR A 224 -3.79 -1.82 21.62
N TRP A 225 -4.40 -1.70 22.79
CA TRP A 225 -3.65 -1.51 24.04
C TRP A 225 -2.63 -2.62 24.32
N LEU A 226 -3.03 -3.87 24.14
CA LEU A 226 -2.11 -4.98 24.44
C LEU A 226 -0.99 -5.17 23.41
N ARG A 227 -1.31 -4.98 22.14
CA ARG A 227 -0.38 -5.31 21.06
C ARG A 227 0.36 -4.09 20.54
N ARG A 228 -0.34 -2.96 20.46
CA ARG A 228 0.22 -1.77 19.83
C ARG A 228 -0.09 -0.52 20.65
N PRO A 229 0.37 -0.48 21.91
CA PRO A 229 -0.04 0.61 22.81
C PRO A 229 0.36 1.98 22.29
N GLU A 230 1.42 2.06 21.48
CA GLU A 230 1.86 3.33 20.95
C GLU A 230 0.81 3.92 20.02
N LEU A 231 0.00 3.08 19.38
CA LEU A 231 -1.06 3.59 18.52
C LEU A 231 -2.15 4.36 19.28
N LEU A 232 -2.41 3.96 20.52
CA LEU A 232 -3.40 4.65 21.36
C LEU A 232 -3.00 6.05 21.73
N GLU A 233 -1.71 6.28 21.90
CA GLU A 233 -1.23 7.59 22.28
C GLU A 233 -1.44 8.62 21.14
N GLY A 234 -1.71 8.14 19.94
CA GLY A 234 -1.90 9.04 18.81
C GLY A 234 -3.36 9.41 18.62
N LEU A 235 -4.21 8.89 19.50
CA LEU A 235 -5.65 9.06 19.34
C LEU A 235 -6.22 9.98 20.42
N ALA A 236 -7.27 10.69 20.06
CA ALA A 236 -8.10 11.41 21.01
C ALA A 236 -9.34 10.54 21.19
N LEU A 237 -9.32 9.68 22.19
CA LEU A 237 -10.45 8.76 22.37
C LEU A 237 -11.75 9.49 22.72
N THR A 238 -12.86 8.99 22.16
CA THR A 238 -14.18 9.47 22.54
C THR A 238 -14.49 9.09 23.99
N ASP A 239 -15.51 9.72 24.56
CA ASP A 239 -15.91 9.35 25.94
C ASP A 239 -16.24 7.86 26.00
N GLU A 240 -16.93 7.36 24.99
CA GLU A 240 -17.31 5.95 24.99
C GLU A 240 -16.08 5.05 24.91
N GLN A 241 -15.13 5.41 24.04
CA GLN A 241 -13.90 4.64 23.90
C GLN A 241 -13.09 4.67 25.18
N ARG A 242 -13.06 5.81 25.87
CA ARG A 242 -12.33 5.90 27.14
C ARG A 242 -12.91 4.94 28.16
N LYS A 243 -14.24 4.90 28.25
CA LYS A 243 -14.94 4.02 29.18
C LYS A 243 -14.67 2.55 28.88
N LEU A 244 -14.84 2.16 27.62
CA LEU A 244 -14.65 0.77 27.25
C LEU A 244 -13.19 0.34 27.42
N LEU A 245 -12.24 1.23 27.11
CA LEU A 245 -10.84 0.90 27.34
C LEU A 245 -10.53 0.71 28.84
N LYS A 246 -11.04 1.61 29.69
CA LYS A 246 -10.92 1.44 31.14
C LYS A 246 -11.51 0.10 31.57
N GLU A 247 -12.69 -0.25 31.03
CA GLU A 247 -13.30 -1.54 31.38
C GLU A 247 -12.43 -2.72 30.99
N ALA A 248 -11.88 -2.66 29.80
CA ALA A 248 -11.02 -3.75 29.30
C ALA A 248 -9.74 -3.87 30.14
N GLN A 249 -9.19 -2.73 30.52
CA GLN A 249 -7.98 -2.73 31.34
C GLN A 249 -8.26 -3.28 32.74
N ALA A 250 -9.42 -2.95 33.30
CA ALA A 250 -9.78 -3.46 34.62
C ALA A 250 -9.99 -4.97 34.60
N GLU A 251 -10.57 -5.47 33.51
CA GLU A 251 -10.81 -6.89 33.36
C GLU A 251 -9.50 -7.64 33.16
N HIS A 252 -8.57 -7.01 32.45
CA HIS A 252 -7.25 -7.56 32.29
C HIS A 252 -6.54 -7.68 33.63
N ASN A 253 -6.77 -6.70 34.51
CA ASN A 253 -6.14 -6.68 35.83
C ASN A 253 -6.95 -7.44 36.88
N SER A 254 -7.98 -8.14 36.42
CA SER A 254 -8.86 -8.89 37.31
C SER A 254 -8.49 -10.36 37.36
#